data_5DLS
#
_entry.id   5DLS
#
_cell.length_a   45.032
_cell.length_b   65.713
_cell.length_c   58.392
_cell.angle_alpha   90.00
_cell.angle_beta   95.14
_cell.angle_gamma   90.00
#
_symmetry.space_group_name_H-M   'P 1 21 1'
#
loop_
_entity.id
_entity.type
_entity.pdbx_description
1 polymer 'Serine/threonine-protein kinase Chk1'
2 non-polymer 1-benzyl-N-(5-{5-[3-(dimethylamino)-2,2-dimethylpropoxy]-1H-indol-2-yl}-6-oxo-1,6-dihydropyridin-3-yl)-1H-pyrazole-4-carboxamide
3 non-polymer 'SULFATE ION'
4 water water
#
_entity_poly.entity_id   1
_entity_poly.type   'polypeptide(L)'
_entity_poly.pdbx_seq_one_letter_code
;MAVPFVEDWDLVQTLGEGAYGEVQLAVNRVTEEAVAVKIVDMKRAVDCPENIKKEICINKMLNHENVVKFYGHRREGNIQ
YLFLEYCSGGELFDRIEPDIGMPEPDAQRFFHQLMAGVVYLHGIGITHRDIKPENLLLDERDNLKISDFGLATVFRYNNR
ERLLNKMCGTLPYVAPELLKRREFHAEPVDVWSCGIVLTAMLAGELPWDQPSDSCQEYSDWKEKKTYLNPWKKIDSAPLA
LLHKILVENPSARITIPDIKKDRWYNKPLKKGAKRPRVTSGGVSESPSGHHHHHHHH
;
_entity_poly.pdbx_strand_id   A
#
loop_
_chem_comp.id
_chem_comp.type
_chem_comp.name
_chem_comp.formula
5CV non-polymer 1-benzyl-N-(5-{5-[3-(dimethylamino)-2,2-dimethylpropoxy]-1H-indol-2-yl}-6-oxo-1,6-dihydropyridin-3-yl)-1H-pyrazole-4-carboxamide 'C31 H34 N6 O3'
SO4 non-polymer 'SULFATE ION' 'O4 S -2'
#
# COMPACT_ATOMS: atom_id res chain seq x y z
N VAL A 6 23.97 -9.05 -23.80
CA VAL A 6 23.45 -8.45 -22.52
C VAL A 6 21.95 -8.03 -22.58
N GLU A 7 21.42 -7.78 -23.79
CA GLU A 7 19.98 -7.50 -23.97
C GLU A 7 19.05 -8.71 -23.73
N ASP A 8 19.57 -9.93 -23.45
CA ASP A 8 18.71 -11.12 -23.21
C ASP A 8 18.54 -11.63 -21.76
N TRP A 9 17.27 -11.96 -21.46
CA TRP A 9 16.72 -12.24 -20.14
C TRP A 9 16.03 -13.59 -20.16
N ASP A 10 16.32 -14.41 -19.17
CA ASP A 10 15.67 -15.69 -19.09
C ASP A 10 14.54 -15.51 -18.11
N LEU A 11 13.32 -15.82 -18.56
CA LEU A 11 12.15 -15.89 -17.68
C LEU A 11 12.27 -17.13 -16.85
N VAL A 12 12.71 -16.98 -15.62
CA VAL A 12 12.98 -18.11 -14.73
C VAL A 12 11.71 -18.61 -14.00
N GLN A 13 11.18 -17.80 -13.10
CA GLN A 13 10.11 -18.24 -12.18
C GLN A 13 8.89 -17.33 -12.30
N THR A 14 7.72 -17.93 -12.12
CA THR A 14 6.49 -17.16 -11.93
C THR A 14 6.35 -16.58 -10.52
N LEU A 15 5.94 -15.32 -10.45
CA LEU A 15 5.92 -14.58 -9.21
C LEU A 15 4.51 -14.30 -8.75
N GLY A 16 3.71 -13.72 -9.65
CA GLY A 16 2.30 -13.41 -9.37
C GLY A 16 1.41 -13.42 -10.59
N GLU A 17 0.26 -14.11 -10.49
CA GLU A 17 -0.90 -13.91 -11.37
C GLU A 17 -1.64 -12.64 -10.91
N GLY A 18 -2.01 -11.78 -11.85
CA GLY A 18 -2.96 -10.67 -11.64
C GLY A 18 -4.09 -10.77 -12.65
N ALA A 19 -5.12 -9.94 -12.49
CA ALA A 19 -6.24 -9.89 -13.44
C ALA A 19 -5.84 -8.98 -14.59
N TYR A 20 -5.48 -9.61 -15.71
CA TYR A 20 -4.84 -8.97 -16.88
C TYR A 20 -3.45 -9.58 -17.16
N GLY A 21 -2.86 -10.34 -16.22
CA GLY A 21 -1.49 -10.80 -16.43
C GLY A 21 -0.82 -11.72 -15.43
N GLU A 22 0.51 -11.77 -15.57
CA GLU A 22 1.42 -12.54 -14.74
C GLU A 22 2.70 -11.72 -14.49
N VAL A 23 3.47 -12.13 -13.51
CA VAL A 23 4.71 -11.45 -13.22
C VAL A 23 5.75 -12.55 -13.11
N GLN A 24 6.82 -12.38 -13.90
CA GLN A 24 7.90 -13.36 -14.03
C GLN A 24 9.21 -12.78 -13.52
N LEU A 25 9.92 -13.58 -12.75
CA LEU A 25 11.31 -13.30 -12.53
C LEU A 25 11.97 -13.45 -13.90
N ALA A 26 12.80 -12.49 -14.25
CA ALA A 26 13.67 -12.58 -15.41
C ALA A 26 15.08 -12.29 -14.95
N VAL A 27 16.06 -13.03 -15.50
CA VAL A 27 17.46 -12.90 -15.15
C VAL A 27 18.26 -12.67 -16.42
N ASN A 28 19.23 -11.77 -16.32
CA ASN A 28 20.04 -11.39 -17.44
C ASN A 28 21.10 -12.49 -17.75
N ARG A 29 21.06 -13.04 -18.95
CA ARG A 29 22.05 -13.99 -19.50
C ARG A 29 23.50 -13.67 -19.16
N VAL A 30 23.94 -12.43 -19.38
CA VAL A 30 25.34 -12.07 -19.09
C VAL A 30 25.58 -11.69 -17.63
N THR A 31 24.88 -10.63 -17.18
CA THR A 31 25.20 -9.99 -15.89
C THR A 31 24.63 -10.74 -14.72
N GLU A 32 23.61 -11.56 -14.98
CA GLU A 32 22.85 -12.27 -13.95
C GLU A 32 21.95 -11.37 -13.06
N GLU A 33 21.80 -10.11 -13.47
CA GLU A 33 20.79 -9.20 -12.88
C GLU A 33 19.38 -9.80 -12.98
N ALA A 34 18.59 -9.63 -11.92
CA ALA A 34 17.16 -10.00 -11.92
C ALA A 34 16.29 -8.80 -12.21
N VAL A 35 15.18 -9.04 -12.88
CA VAL A 35 14.08 -8.09 -12.91
C VAL A 35 12.79 -8.88 -12.81
N ALA A 36 11.77 -8.17 -12.35
CA ALA A 36 10.42 -8.64 -12.42
C ALA A 36 9.80 -8.07 -13.71
N VAL A 37 9.13 -8.97 -14.42
CA VAL A 37 8.55 -8.64 -15.70
C VAL A 37 7.07 -8.85 -15.62
N LYS A 38 6.34 -7.75 -15.85
CA LYS A 38 4.87 -7.79 -15.77
C LYS A 38 4.44 -7.85 -17.19
N ILE A 39 3.57 -8.84 -17.48
CA ILE A 39 3.12 -9.22 -18.82
C ILE A 39 1.59 -9.12 -18.97
N VAL A 40 1.09 -8.24 -19.86
CA VAL A 40 -0.35 -7.93 -19.99
C VAL A 40 -0.88 -7.89 -21.46
N ASP A 41 -2.06 -8.49 -21.71
CA ASP A 41 -2.80 -8.38 -23.02
C ASP A 41 -3.41 -6.98 -23.30
N MET A 42 -2.55 -6.02 -23.66
CA MET A 42 -2.97 -4.63 -23.94
C MET A 42 -3.57 -4.54 -25.32
N ASN A 51 -6.14 2.64 -18.59
CA ASN A 51 -5.63 1.97 -17.38
C ASN A 51 -4.10 1.75 -17.43
N ILE A 52 -3.66 0.98 -18.44
CA ILE A 52 -2.21 0.64 -18.60
C ILE A 52 -1.34 1.82 -19.04
N LYS A 53 -1.87 2.68 -19.92
CA LYS A 53 -1.15 3.89 -20.36
C LYS A 53 -0.84 4.79 -19.17
N LYS A 54 -1.83 4.92 -18.31
CA LYS A 54 -1.73 5.70 -17.08
C LYS A 54 -0.72 5.06 -16.13
N GLU A 55 -0.85 3.75 -15.92
CA GLU A 55 0.08 3.03 -15.03
C GLU A 55 1.54 3.22 -15.41
N ILE A 56 1.81 3.11 -16.72
CA ILE A 56 3.17 3.30 -17.23
C ILE A 56 3.58 4.76 -17.02
N CYS A 57 2.68 5.66 -17.41
CA CYS A 57 2.89 7.11 -17.29
C CYS A 57 3.17 7.56 -15.83
N ILE A 58 2.36 7.04 -14.91
CA ILE A 58 2.62 7.28 -13.47
C ILE A 58 3.97 6.73 -13.04
N ASN A 59 4.25 5.47 -13.39
CA ASN A 59 5.54 4.86 -13.01
C ASN A 59 6.74 5.64 -13.47
N LYS A 60 6.62 6.17 -14.68
CA LYS A 60 7.71 6.97 -15.27
C LYS A 60 8.10 8.14 -14.40
N MET A 61 7.15 8.75 -13.69
CA MET A 61 7.48 9.84 -12.77
C MET A 61 8.10 9.42 -11.43
N LEU A 62 8.21 8.12 -11.13
CA LEU A 62 8.50 7.68 -9.76
C LEU A 62 9.93 7.32 -9.53
N ASN A 63 10.52 7.93 -8.51
CA ASN A 63 11.84 7.55 -8.15
C ASN A 63 12.09 7.73 -6.65
N HIS A 64 12.02 6.60 -5.94
CA HIS A 64 12.15 6.59 -4.51
C HIS A 64 12.46 5.20 -4.01
N GLU A 65 13.22 5.13 -2.93
CA GLU A 65 13.69 3.85 -2.35
C GLU A 65 12.61 2.93 -1.77
N ASN A 66 11.42 3.47 -1.46
CA ASN A 66 10.25 2.69 -1.02
C ASN A 66 9.11 2.59 -2.04
N VAL A 67 9.46 2.79 -3.30
CA VAL A 67 8.58 2.58 -4.43
C VAL A 67 9.34 1.67 -5.41
N VAL A 68 8.67 0.62 -5.86
CA VAL A 68 9.19 -0.34 -6.83
C VAL A 68 9.61 0.38 -8.12
N LYS A 69 10.91 0.29 -8.44
CA LYS A 69 11.53 0.94 -9.63
C LYS A 69 10.93 0.41 -10.92
N PHE A 70 10.69 1.35 -11.80
CA PHE A 70 10.21 1.12 -13.14
C PHE A 70 11.47 1.21 -14.00
N TYR A 71 11.75 0.18 -14.81
CA TYR A 71 12.93 0.22 -15.70
C TYR A 71 12.57 0.61 -17.13
N GLY A 72 11.51 0.02 -17.70
CA GLY A 72 10.89 0.53 -18.92
C GLY A 72 9.77 -0.37 -19.38
N HIS A 73 9.39 -0.23 -20.65
CA HIS A 73 8.27 -0.95 -21.28
C HIS A 73 8.55 -1.31 -22.76
N ARG A 74 7.82 -2.29 -23.29
CA ARG A 74 7.94 -2.68 -24.72
C ARG A 74 6.56 -3.09 -25.33
N ARG A 75 6.20 -2.44 -26.45
CA ARG A 75 4.86 -2.53 -27.09
C ARG A 75 4.43 -3.94 -27.56
N GLU A 76 5.26 -4.61 -28.37
CA GLU A 76 5.03 -6.01 -28.90
C GLU A 76 3.59 -6.45 -29.31
N GLY A 77 2.87 -5.52 -29.97
CA GLY A 77 1.52 -5.76 -30.48
C GLY A 77 0.47 -5.78 -29.39
N ASN A 78 -0.06 -6.97 -29.10
CA ASN A 78 -1.05 -7.15 -28.02
C ASN A 78 -0.45 -7.23 -26.61
N ILE A 79 0.84 -7.59 -26.49
CA ILE A 79 1.47 -7.88 -25.21
C ILE A 79 2.30 -6.70 -24.70
N GLN A 80 1.83 -6.07 -23.62
CA GLN A 80 2.59 -5.05 -22.90
C GLN A 80 3.49 -5.68 -21.82
N TYR A 81 4.77 -5.28 -21.85
CA TYR A 81 5.77 -5.66 -20.86
C TYR A 81 6.14 -4.44 -20.04
N LEU A 82 6.15 -4.58 -18.72
CA LEU A 82 6.73 -3.57 -17.85
C LEU A 82 7.84 -4.28 -17.12
N PHE A 83 8.98 -3.62 -17.01
CA PHE A 83 10.15 -4.19 -16.37
C PHE A 83 10.30 -3.42 -15.09
N LEU A 84 10.31 -4.15 -14.00
CA LEU A 84 10.07 -3.60 -12.67
C LEU A 84 11.11 -4.14 -11.73
N GLU A 85 11.35 -3.41 -10.67
CA GLU A 85 12.31 -3.85 -9.67
C GLU A 85 11.91 -5.23 -9.08
N TYR A 86 12.91 -6.07 -8.87
CA TYR A 86 12.69 -7.38 -8.30
C TYR A 86 12.87 -7.26 -6.78
N CYS A 87 11.91 -7.80 -6.03
CA CYS A 87 11.92 -7.69 -4.58
C CYS A 87 11.88 -9.13 -4.15
N SER A 88 13.01 -9.65 -3.67
CA SER A 88 13.15 -11.10 -3.48
C SER A 88 12.35 -11.52 -2.27
N GLY A 89 12.11 -10.60 -1.34
CA GLY A 89 11.29 -10.86 -0.15
C GLY A 89 9.81 -11.16 -0.35
N GLY A 90 9.30 -10.93 -1.56
CA GLY A 90 7.89 -11.15 -1.82
C GLY A 90 7.04 -10.07 -1.10
N GLU A 91 5.80 -10.44 -0.83
CA GLU A 91 4.72 -9.60 -0.32
C GLU A 91 4.70 -9.54 1.16
N LEU A 92 4.44 -8.36 1.68
CA LEU A 92 4.33 -8.16 3.11
C LEU A 92 3.26 -9.04 3.63
N PHE A 93 2.25 -9.24 2.82
CA PHE A 93 1.17 -10.11 3.17
C PHE A 93 1.63 -11.43 3.78
N ASP A 94 2.71 -12.00 3.26
CA ASP A 94 3.21 -13.28 3.75
C ASP A 94 3.99 -13.24 4.99
N ARG A 95 4.43 -12.06 5.42
CA ARG A 95 5.02 -11.90 6.76
C ARG A 95 4.03 -11.72 7.87
N ILE A 96 2.74 -11.64 7.57
CA ILE A 96 1.73 -11.47 8.58
C ILE A 96 1.14 -12.84 8.95
N GLU A 97 1.36 -13.29 10.16
CA GLU A 97 0.88 -14.60 10.60
C GLU A 97 -0.58 -14.50 11.00
N PRO A 98 -1.43 -15.38 10.47
CA PRO A 98 -2.87 -15.21 10.77
C PRO A 98 -3.13 -15.23 12.25
N ASP A 99 -4.00 -14.34 12.68
CA ASP A 99 -4.31 -14.14 14.05
C ASP A 99 -3.26 -13.65 15.04
N ILE A 100 -2.03 -13.49 14.60
CA ILE A 100 -0.96 -13.00 15.43
C ILE A 100 -0.31 -11.72 14.92
N GLY A 101 -0.02 -11.67 13.63
CA GLY A 101 0.62 -10.52 13.04
C GLY A 101 2.11 -10.74 12.97
N MET A 102 2.86 -9.85 13.61
CA MET A 102 4.28 -9.95 13.58
C MET A 102 4.83 -9.18 14.80
N PRO A 103 6.11 -9.34 15.09
CA PRO A 103 6.74 -8.55 16.13
C PRO A 103 6.62 -7.08 15.88
N GLU A 104 6.32 -6.38 16.97
CA GLU A 104 6.04 -4.95 16.96
C GLU A 104 7.17 -4.11 16.34
N PRO A 105 8.44 -4.47 16.61
CA PRO A 105 9.54 -3.74 15.96
C PRO A 105 9.52 -3.88 14.47
N ASP A 106 9.17 -5.03 13.93
CA ASP A 106 9.12 -5.17 12.48
C ASP A 106 7.92 -4.42 11.90
N ALA A 107 6.82 -4.45 12.59
CA ALA A 107 5.65 -3.66 12.14
C ALA A 107 6.01 -2.18 12.07
N GLN A 108 6.70 -1.72 13.10
CA GLN A 108 7.14 -0.32 13.14
C GLN A 108 8.05 0.09 12.04
N ARG A 109 9.04 -0.73 11.78
CA ARG A 109 9.92 -0.45 10.67
C ARG A 109 9.21 -0.47 9.32
N PHE A 110 8.33 -1.46 9.06
CA PHE A 110 7.64 -1.50 7.81
C PHE A 110 6.71 -0.28 7.67
N PHE A 111 6.02 0.08 8.75
CA PHE A 111 5.18 1.28 8.76
C PHE A 111 5.96 2.62 8.48
N HIS A 112 7.13 2.81 9.07
CA HIS A 112 8.02 3.92 8.80
C HIS A 112 8.28 3.98 7.29
N GLN A 113 8.58 2.83 6.70
CA GLN A 113 8.90 2.81 5.31
C GLN A 113 7.73 3.00 4.44
N LEU A 114 6.57 2.47 4.83
CA LEU A 114 5.39 2.72 4.09
C LEU A 114 5.06 4.24 4.07
N MET A 115 5.16 4.89 5.22
CA MET A 115 4.92 6.35 5.28
C MET A 115 5.93 7.13 4.41
N ALA A 116 7.21 6.69 4.39
CA ALA A 116 8.18 7.35 3.53
C ALA A 116 7.72 7.29 2.07
N GLY A 117 7.31 6.10 1.66
CA GLY A 117 6.83 5.93 0.28
C GLY A 117 5.62 6.78 -0.04
N VAL A 118 4.65 6.75 0.89
CA VAL A 118 3.41 7.47 0.73
C VAL A 118 3.62 8.98 0.79
N VAL A 119 4.43 9.47 1.74
CA VAL A 119 4.86 10.91 1.71
C VAL A 119 5.37 11.32 0.33
N TYR A 120 6.24 10.48 -0.26
CA TYR A 120 6.87 10.79 -1.54
C TYR A 120 5.82 10.96 -2.63
N LEU A 121 4.94 9.94 -2.73
CA LEU A 121 3.86 9.95 -3.71
C LEU A 121 2.95 11.15 -3.58
N HIS A 122 2.57 11.42 -2.34
CA HIS A 122 1.69 12.54 -2.15
C HIS A 122 2.38 13.86 -2.50
N GLY A 123 3.65 13.98 -2.13
CA GLY A 123 4.41 15.16 -2.45
C GLY A 123 4.49 15.43 -3.96
N ILE A 124 4.46 14.38 -4.78
CA ILE A 124 4.39 14.61 -6.21
C ILE A 124 2.98 14.52 -6.69
N GLY A 125 1.98 14.64 -5.83
CA GLY A 125 0.59 14.73 -6.30
C GLY A 125 -0.05 13.46 -6.81
N ILE A 126 0.53 12.32 -6.42
CA ILE A 126 -0.01 11.00 -6.75
C ILE A 126 -0.63 10.25 -5.55
N THR A 127 -1.77 9.59 -5.79
CA THR A 127 -2.37 8.72 -4.78
C THR A 127 -2.42 7.36 -5.33
N HIS A 128 -2.07 6.38 -4.49
CA HIS A 128 -1.99 4.97 -4.92
C HIS A 128 -3.37 4.37 -5.03
N ARG A 129 -4.20 4.61 -4.00
CA ARG A 129 -5.56 4.19 -3.92
C ARG A 129 -5.81 2.72 -3.64
N ASP A 130 -4.79 1.92 -3.46
CA ASP A 130 -5.02 0.53 -3.15
C ASP A 130 -3.90 -0.05 -2.28
N ILE A 131 -3.56 0.68 -1.24
CA ILE A 131 -2.57 0.20 -0.37
C ILE A 131 -3.08 -0.99 0.46
N LYS A 132 -2.36 -2.12 0.40
CA LYS A 132 -2.65 -3.25 1.23
C LYS A 132 -1.45 -4.19 1.18
N PRO A 133 -1.39 -5.23 2.04
CA PRO A 133 -0.13 -5.99 2.18
C PRO A 133 0.29 -6.75 0.96
N GLU A 134 -0.68 -7.07 0.09
CA GLU A 134 -0.43 -7.78 -1.15
C GLU A 134 0.36 -6.90 -2.09
N ASN A 135 0.26 -5.57 -1.94
CA ASN A 135 0.99 -4.59 -2.78
C ASN A 135 2.25 -4.00 -2.18
N LEU A 136 2.60 -4.39 -0.97
CA LEU A 136 3.82 -3.84 -0.33
C LEU A 136 4.83 -5.00 -0.44
N LEU A 137 5.87 -4.76 -1.22
CA LEU A 137 6.94 -5.73 -1.47
C LEU A 137 8.15 -5.48 -0.58
N LEU A 138 8.86 -6.59 -0.31
CA LEU A 138 10.05 -6.63 0.51
C LEU A 138 11.26 -6.97 -0.39
N ASP A 139 12.30 -6.13 -0.33
CA ASP A 139 13.50 -6.44 -1.06
C ASP A 139 14.33 -7.36 -0.17
N GLU A 140 15.53 -7.61 -0.65
CA GLU A 140 16.49 -8.55 -0.07
C GLU A 140 16.89 -8.20 1.36
N ARG A 141 17.00 -6.92 1.68
CA ARG A 141 17.17 -6.48 3.09
C ARG A 141 15.87 -6.16 3.84
N ASP A 142 14.74 -6.71 3.39
CA ASP A 142 13.42 -6.44 3.99
C ASP A 142 13.03 -4.96 3.98
N ASN A 143 13.47 -4.23 2.96
CA ASN A 143 13.00 -2.89 2.72
C ASN A 143 11.67 -2.99 1.96
N LEU A 144 10.69 -2.21 2.42
CA LEU A 144 9.35 -2.22 1.88
C LEU A 144 9.29 -1.28 0.67
N LYS A 145 8.61 -1.71 -0.37
CA LYS A 145 8.42 -0.96 -1.56
C LYS A 145 6.99 -1.07 -1.95
N ILE A 146 6.41 0.08 -2.29
CA ILE A 146 5.12 0.16 -2.81
C ILE A 146 5.09 -0.22 -4.30
N SER A 147 4.16 -1.11 -4.64
CA SER A 147 3.96 -1.63 -5.98
C SER A 147 2.51 -1.49 -6.42
N ASP A 148 2.36 -1.55 -7.73
CA ASP A 148 1.10 -1.69 -8.40
C ASP A 148 0.39 -0.37 -8.47
N PHE A 149 0.75 0.39 -9.50
CA PHE A 149 0.20 1.71 -9.73
C PHE A 149 -0.93 1.72 -10.69
N GLY A 150 -1.60 0.56 -10.76
CA GLY A 150 -2.69 0.34 -11.65
C GLY A 150 -3.91 1.09 -11.29
N LEU A 151 -4.14 1.38 -10.02
CA LEU A 151 -5.31 2.19 -9.66
C LEU A 151 -4.94 3.62 -9.34
N ALA A 152 -3.67 3.98 -9.49
CA ALA A 152 -3.18 5.25 -9.02
C ALA A 152 -3.68 6.41 -9.91
N THR A 153 -3.74 7.62 -9.35
CA THR A 153 -4.12 8.76 -10.09
C THR A 153 -3.55 10.06 -9.52
N VAL A 154 -3.65 11.09 -10.32
CA VAL A 154 -3.11 12.41 -9.98
C VAL A 154 -4.21 13.14 -9.21
N PHE A 155 -3.85 13.67 -8.04
CA PHE A 155 -4.77 14.45 -7.25
C PHE A 155 -4.32 15.88 -7.09
N ARG A 156 -3.10 16.20 -7.55
CA ARG A 156 -2.61 17.56 -7.45
C ARG A 156 -1.79 17.78 -8.70
N TYR A 157 -2.08 18.91 -9.35
CA TYR A 157 -1.44 19.28 -10.62
C TYR A 157 -1.43 20.81 -10.67
N ASN A 158 -0.25 21.36 -10.95
CA ASN A 158 -0.03 22.83 -10.96
C ASN A 158 -0.49 23.40 -9.67
N ASN A 159 -0.15 22.68 -8.60
CA ASN A 159 -0.45 23.09 -7.25
C ASN A 159 -1.94 23.33 -6.89
N ARG A 160 -2.84 22.69 -7.64
CA ARG A 160 -4.27 22.71 -7.36
C ARG A 160 -4.73 21.25 -7.16
N GLU A 161 -5.36 21.00 -6.02
CA GLU A 161 -5.85 19.68 -5.71
C GLU A 161 -7.14 19.43 -6.48
N ARG A 162 -7.29 18.27 -7.08
CA ARG A 162 -8.61 17.84 -7.46
C ARG A 162 -9.12 16.73 -6.51
N LEU A 163 -10.42 16.80 -6.22
CA LEU A 163 -11.11 15.87 -5.39
C LEU A 163 -11.39 14.64 -6.21
N LEU A 164 -11.45 13.51 -5.56
CA LEU A 164 -11.72 12.29 -6.25
C LEU A 164 -13.21 12.04 -6.19
N ASN A 165 -13.71 11.32 -7.18
CA ASN A 165 -15.05 10.75 -7.10
C ASN A 165 -15.23 9.32 -7.63
N LYS A 166 -14.30 8.70 -8.33
CA LYS A 166 -14.46 7.27 -8.61
C LYS A 166 -14.15 6.54 -7.27
N MET A 167 -14.95 5.52 -6.97
CA MET A 167 -14.67 4.56 -5.91
C MET A 167 -13.70 3.52 -6.47
N CYS A 168 -12.50 3.42 -5.92
CA CYS A 168 -11.52 2.42 -6.35
C CYS A 168 -10.98 1.83 -5.06
N GLY A 169 -10.42 0.63 -5.11
CA GLY A 169 -9.67 0.07 -3.99
C GLY A 169 -10.18 -1.29 -3.64
N THR A 170 -9.98 -1.68 -2.37
CA THR A 170 -10.29 -3.01 -1.83
C THR A 170 -11.01 -2.81 -0.54
N LEU A 171 -12.21 -3.34 -0.44
CA LEU A 171 -13.18 -2.85 0.57
C LEU A 171 -12.74 -2.86 2.04
N PRO A 172 -12.09 -3.94 2.50
CA PRO A 172 -11.56 -3.88 3.88
C PRO A 172 -10.50 -2.75 4.20
N TYR A 173 -9.84 -2.24 3.18
CA TYR A 173 -8.83 -1.20 3.29
C TYR A 173 -9.35 0.22 3.02
N VAL A 174 -10.58 0.31 2.62
CA VAL A 174 -11.08 1.57 2.02
C VAL A 174 -11.59 2.47 3.11
N ALA A 175 -11.42 3.79 2.95
CA ALA A 175 -11.93 4.75 3.96
C ALA A 175 -13.46 4.86 3.89
N PRO A 176 -14.11 5.23 5.00
CA PRO A 176 -15.55 5.28 4.95
C PRO A 176 -16.11 6.39 4.02
N GLU A 177 -15.41 7.53 3.89
CA GLU A 177 -15.91 8.62 3.05
C GLU A 177 -16.04 8.17 1.64
N LEU A 178 -15.27 7.17 1.21
CA LEU A 178 -15.45 6.78 -0.17
C LEU A 178 -16.66 5.93 -0.44
N LEU A 179 -17.26 5.30 0.58
CA LEU A 179 -18.58 4.70 0.43
C LEU A 179 -19.72 5.71 0.61
N LYS A 180 -19.52 6.84 1.24
CA LYS A 180 -20.67 7.68 1.62
C LYS A 180 -20.78 9.03 0.94
N ARG A 181 -19.72 9.47 0.25
CA ARG A 181 -19.61 10.84 -0.23
C ARG A 181 -19.33 10.76 -1.69
N ARG A 182 -19.87 11.73 -2.41
CA ARG A 182 -19.76 11.76 -3.85
C ARG A 182 -18.34 12.16 -4.25
N GLU A 183 -17.71 13.00 -3.44
CA GLU A 183 -16.37 13.56 -3.65
C GLU A 183 -15.57 13.55 -2.36
N PHE A 184 -14.28 13.31 -2.44
CA PHE A 184 -13.50 13.30 -1.21
C PHE A 184 -12.05 13.59 -1.55
N HIS A 185 -11.31 14.01 -0.55
CA HIS A 185 -9.88 14.26 -0.71
C HIS A 185 -9.05 12.97 -0.86
N ALA A 186 -8.00 12.98 -1.68
CA ALA A 186 -7.22 11.75 -1.93
C ALA A 186 -6.36 11.29 -0.70
N GLU A 187 -5.70 12.23 -0.02
CA GLU A 187 -4.68 11.88 0.89
C GLU A 187 -5.19 11.12 2.17
N PRO A 188 -6.27 11.62 2.81
CA PRO A 188 -6.82 10.91 3.92
C PRO A 188 -7.22 9.47 3.63
N VAL A 189 -7.60 9.17 2.38
CA VAL A 189 -7.93 7.84 2.01
C VAL A 189 -6.69 6.92 2.08
N ASP A 190 -5.55 7.41 1.59
CA ASP A 190 -4.35 6.59 1.65
C ASP A 190 -3.92 6.41 3.08
N VAL A 191 -4.14 7.45 3.90
CA VAL A 191 -3.81 7.40 5.31
C VAL A 191 -4.59 6.23 6.04
N TRP A 192 -5.89 6.21 5.79
CA TRP A 192 -6.75 5.18 6.33
C TRP A 192 -6.28 3.75 6.03
N SER A 193 -6.05 3.49 4.75
CA SER A 193 -5.56 2.16 4.30
C SER A 193 -4.25 1.75 4.97
N CYS A 194 -3.34 2.72 5.12
CA CYS A 194 -2.13 2.51 5.92
C CYS A 194 -2.44 2.11 7.34
N GLY A 195 -3.45 2.74 7.93
CA GLY A 195 -3.91 2.28 9.23
C GLY A 195 -4.45 0.85 9.27
N ILE A 196 -5.18 0.45 8.23
CA ILE A 196 -5.70 -0.90 8.20
C ILE A 196 -4.48 -1.84 8.00
N VAL A 197 -3.48 -1.40 7.25
CA VAL A 197 -2.26 -2.21 7.11
C VAL A 197 -1.57 -2.38 8.45
N LEU A 198 -1.46 -1.29 9.23
CA LEU A 198 -0.84 -1.39 10.53
C LEU A 198 -1.58 -2.40 11.42
N THR A 199 -2.90 -2.28 11.44
CA THR A 199 -3.74 -3.17 12.20
C THR A 199 -3.49 -4.66 11.86
N ALA A 200 -3.43 -4.95 10.56
CA ALA A 200 -3.08 -6.26 10.09
C ALA A 200 -1.72 -6.76 10.54
N MET A 201 -0.72 -5.86 10.53
CA MET A 201 0.60 -6.22 10.94
C MET A 201 0.62 -6.52 12.45
N LEU A 202 -0.21 -5.92 13.25
CA LEU A 202 -0.05 -6.11 14.67
C LEU A 202 -1.00 -7.10 15.27
N ALA A 203 -2.01 -7.51 14.49
CA ALA A 203 -3.10 -8.38 14.97
C ALA A 203 -3.29 -9.61 14.13
N GLY A 204 -2.82 -9.60 12.88
CA GLY A 204 -2.94 -10.77 12.04
C GLY A 204 -4.37 -10.94 11.57
N GLU A 205 -5.19 -9.90 11.62
CA GLU A 205 -6.50 -9.95 11.05
C GLU A 205 -7.00 -8.54 10.69
N LEU A 206 -8.04 -8.50 9.84
CA LEU A 206 -8.63 -7.25 9.36
C LEU A 206 -9.79 -6.98 10.26
N PRO A 207 -10.02 -5.71 10.65
CA PRO A 207 -11.10 -5.52 11.61
C PRO A 207 -12.51 -5.61 11.03
N TRP A 208 -12.70 -5.34 9.73
CA TRP A 208 -14.03 -5.38 9.14
C TRP A 208 -13.95 -5.65 7.67
N ASP A 209 -15.07 -6.09 7.13
CA ASP A 209 -15.23 -6.33 5.69
C ASP A 209 -15.32 -5.01 4.96
N GLN A 210 -15.91 -4.02 5.61
CA GLN A 210 -15.94 -2.69 5.10
C GLN A 210 -16.30 -1.72 6.19
N PRO A 211 -15.93 -0.44 6.02
CA PRO A 211 -16.17 0.54 7.07
C PRO A 211 -17.52 1.22 6.92
N SER A 212 -18.58 0.43 7.18
CA SER A 212 -19.98 0.85 7.12
C SER A 212 -20.61 0.51 8.44
N ASP A 213 -21.63 1.25 8.84
CA ASP A 213 -22.47 0.79 9.98
C ASP A 213 -23.23 -0.53 9.77
N SER A 214 -23.42 -0.99 8.53
CA SER A 214 -23.85 -2.37 8.27
C SER A 214 -22.92 -3.45 8.87
N CYS A 215 -21.61 -3.18 8.98
CA CYS A 215 -20.66 -4.07 9.71
C CYS A 215 -20.59 -3.70 11.23
N GLN A 216 -20.88 -4.71 12.05
CA GLN A 216 -20.91 -4.63 13.51
C GLN A 216 -19.54 -4.30 14.09
N GLU A 217 -18.49 -4.86 13.48
CA GLU A 217 -17.12 -4.62 13.98
C GLU A 217 -16.75 -3.13 13.82
N TYR A 218 -17.26 -2.48 12.77
CA TYR A 218 -17.00 -1.07 12.52
C TYR A 218 -17.81 -0.25 13.50
N SER A 219 -19.06 -0.63 13.76
CA SER A 219 -19.88 0.08 14.81
C SER A 219 -19.23 -0.01 16.16
N ASP A 220 -18.75 -1.21 16.49
CA ASP A 220 -18.06 -1.44 17.76
C ASP A 220 -16.79 -0.60 17.97
N TRP A 221 -16.05 -0.41 16.89
CA TRP A 221 -14.87 0.45 16.96
C TRP A 221 -15.20 1.91 17.26
N LYS A 222 -16.20 2.44 16.55
CA LYS A 222 -16.70 3.81 16.81
C LYS A 222 -17.26 3.97 18.24
N GLU A 223 -17.76 2.88 18.80
CA GLU A 223 -18.16 2.85 20.18
C GLU A 223 -16.96 2.50 21.08
N LYS A 224 -15.73 2.64 20.61
CA LYS A 224 -14.54 2.39 21.41
C LYS A 224 -14.46 1.02 22.12
N LYS A 225 -15.07 -0.02 21.56
CA LYS A 225 -15.02 -1.33 22.21
C LYS A 225 -13.71 -2.07 21.97
N THR A 226 -12.63 -1.58 22.58
CA THR A 226 -11.30 -2.08 22.23
C THR A 226 -10.81 -3.30 23.04
N TYR A 227 -11.64 -3.71 23.99
CA TYR A 227 -11.51 -5.02 24.66
C TYR A 227 -11.90 -6.15 23.71
N LEU A 228 -12.51 -5.84 22.54
CA LEU A 228 -12.68 -6.84 21.46
C LEU A 228 -11.48 -6.97 20.46
N ASN A 229 -11.47 -8.04 19.67
CA ASN A 229 -10.44 -8.25 18.69
C ASN A 229 -10.84 -7.45 17.46
N PRO A 230 -9.89 -6.99 16.64
CA PRO A 230 -8.42 -7.21 16.83
C PRO A 230 -7.74 -6.31 17.87
N TRP A 231 -8.47 -5.35 18.45
CA TRP A 231 -7.86 -4.23 19.15
C TRP A 231 -7.21 -4.77 20.42
N LYS A 232 -7.78 -5.83 21.00
CA LYS A 232 -7.28 -6.33 22.29
C LYS A 232 -5.89 -6.91 22.16
N LYS A 233 -5.51 -7.37 20.97
CA LYS A 233 -4.15 -7.89 20.74
C LYS A 233 -3.08 -6.80 20.61
N ILE A 234 -3.50 -5.53 20.56
CA ILE A 234 -2.62 -4.46 20.17
C ILE A 234 -2.23 -3.64 21.39
N ASP A 235 -0.96 -3.39 21.55
CA ASP A 235 -0.51 -2.57 22.67
C ASP A 235 -1.09 -1.18 22.64
N SER A 236 -1.10 -0.56 23.80
CA SER A 236 -1.79 0.67 24.02
C SER A 236 -1.24 1.85 23.16
N ALA A 237 0.07 1.89 22.95
CA ALA A 237 0.69 2.95 22.21
C ALA A 237 0.39 2.89 20.66
N PRO A 238 0.58 1.73 20.01
CA PRO A 238 0.19 1.71 18.60
C PRO A 238 -1.32 1.82 18.44
N LEU A 239 -2.08 1.34 19.40
CA LEU A 239 -3.53 1.48 19.34
C LEU A 239 -3.98 2.93 19.44
N ALA A 240 -3.20 3.75 20.16
CA ALA A 240 -3.52 5.16 20.25
C ALA A 240 -3.27 5.82 18.90
N LEU A 241 -2.25 5.37 18.14
CA LEU A 241 -2.03 5.90 16.83
C LEU A 241 -3.22 5.50 15.91
N LEU A 242 -3.60 4.22 15.99
CA LEU A 242 -4.71 3.71 15.25
C LEU A 242 -6.01 4.45 15.60
N HIS A 243 -6.19 4.85 16.86
CA HIS A 243 -7.34 5.72 17.20
C HIS A 243 -7.34 7.05 16.41
N LYS A 244 -6.17 7.57 16.04
CA LYS A 244 -6.11 8.84 15.31
C LYS A 244 -6.22 8.67 13.82
N ILE A 245 -5.86 7.48 13.33
CA ILE A 245 -5.88 7.21 11.89
C ILE A 245 -7.24 6.78 11.47
N LEU A 246 -7.85 5.91 12.28
CA LEU A 246 -9.09 5.32 11.86
C LEU A 246 -10.28 6.12 12.38
N VAL A 247 -10.31 7.36 11.95
CA VAL A 247 -11.28 8.36 12.36
C VAL A 247 -12.19 8.54 11.15
N GLU A 248 -13.49 8.45 11.38
CA GLU A 248 -14.49 8.41 10.30
C GLU A 248 -14.51 9.70 9.45
N ASN A 249 -14.40 10.83 10.10
CA ASN A 249 -14.39 12.10 9.39
C ASN A 249 -13.00 12.34 8.83
N PRO A 250 -12.85 12.34 7.50
CA PRO A 250 -11.53 12.54 6.95
C PRO A 250 -10.92 13.88 7.32
N SER A 251 -11.73 14.88 7.67
CA SER A 251 -11.16 16.20 8.04
C SER A 251 -10.57 16.17 9.41
N ALA A 252 -11.02 15.25 10.25
CA ALA A 252 -10.46 15.18 11.56
C ALA A 252 -9.44 14.07 11.59
N ARG A 253 -9.25 13.30 10.54
CA ARG A 253 -8.27 12.18 10.58
C ARG A 253 -6.84 12.72 10.66
N ILE A 254 -5.98 12.08 11.41
CA ILE A 254 -4.57 12.54 11.48
C ILE A 254 -3.92 12.56 10.10
N THR A 255 -2.99 13.49 9.92
CA THR A 255 -2.26 13.67 8.68
C THR A 255 -0.89 13.00 8.86
N ILE A 256 -0.20 12.76 7.77
CA ILE A 256 1.10 12.17 7.85
C ILE A 256 2.07 13.00 8.68
N PRO A 257 2.21 14.34 8.45
CA PRO A 257 3.14 15.09 9.34
C PRO A 257 2.88 14.82 10.81
N ASP A 258 1.61 14.71 11.21
CA ASP A 258 1.30 14.39 12.60
C ASP A 258 1.53 12.96 13.01
N ILE A 259 1.35 12.02 12.10
CA ILE A 259 1.76 10.63 12.34
C ILE A 259 3.22 10.53 12.72
N LYS A 260 4.04 11.27 12.02
CA LYS A 260 5.49 11.33 12.32
C LYS A 260 5.83 11.95 13.67
N LYS A 261 4.87 12.55 14.37
CA LYS A 261 5.04 13.05 15.70
C LYS A 261 4.48 12.12 16.73
N ASP A 262 3.72 11.09 16.36
CA ASP A 262 3.07 10.18 17.30
C ASP A 262 4.08 9.49 18.20
N ARG A 263 3.66 9.21 19.38
CA ARG A 263 4.50 8.56 20.37
C ARG A 263 5.03 7.15 19.98
N TRP A 264 4.15 6.26 19.54
CA TRP A 264 4.58 4.95 19.12
C TRP A 264 5.46 5.04 17.88
N TYR A 265 5.10 5.95 16.99
CA TYR A 265 5.87 6.11 15.79
C TYR A 265 7.35 6.39 16.10
N ASN A 266 7.59 7.17 17.14
CA ASN A 266 8.94 7.60 17.59
C ASN A 266 9.52 6.76 18.79
N LYS A 267 8.85 5.66 19.12
CA LYS A 267 9.33 4.76 20.15
C LYS A 267 10.50 3.86 19.70
N PRO A 268 11.63 3.85 20.43
CA PRO A 268 12.74 2.93 20.03
C PRO A 268 12.35 1.47 20.36
N LEU A 269 12.48 0.55 19.41
CA LEU A 269 11.86 -0.82 19.58
C LEU A 269 12.80 -2.01 19.32
N LYS A 270 12.71 -3.03 20.22
CA LYS A 270 13.50 -4.33 20.29
C LYS A 270 14.79 -4.29 21.15
C4 5CV B . 5.93 -7.15 -8.62
C5 5CV B . 7.09 -6.47 -8.91
C8 5CV B . 7.37 -10.02 -6.77
C10 5CV B . 6.44 -10.95 -6.45
C15 5CV B . 7.49 -13.82 -4.33
C22 5CV B . 4.26 -17.77 -1.58
C26 5CV B . 2.97 -5.18 -9.94
C23 5CV B . 2.64 -16.70 -3.10
C18 5CV B . 5.89 -15.45 -4.13
C16 5CV B . 6.59 -13.07 -5.09
C2 5CV B . 7.23 -8.86 -7.52
O7 5CV B . 9.54 -8.55 -7.47
C12 5CV B . 8.34 -11.49 -5.48
C11 5CV B . 7.02 -11.88 -5.68
N21 5CV B . 4.07 -16.99 -2.83
C20 5CV B . 4.73 -17.59 -4.01
C19 5CV B . 6.10 -16.95 -4.23
C39 5CV B . 6.61 -17.21 -5.67
C40 5CV B . 7.12 -17.45 -3.17
O17 5CV B . 7.17 -14.97 -3.69
C14 5CV B . 8.80 -13.40 -4.15
C13 5CV B . 9.24 -12.24 -4.74
N9 5CV B . 8.51 -10.37 -6.14
C3 5CV B . 6.01 -8.36 -7.92
C1 5CV B . 8.40 -8.15 -7.81
N6 5CV B . 8.34 -6.94 -8.48
N24 5CV B . 4.72 -6.68 -9.03
C25 5CV B . 4.38 -5.40 -9.39
O27 5CV B . 5.17 -4.44 -9.40
C28 5CV B . 1.98 -6.07 -9.69
C31 5CV B . 2.51 -4.19 -10.76
N30 5CV B . 1.18 -4.43 -11.00
N29 5CV B . 0.87 -5.68 -10.31
C32 5CV B . -0.38 -6.46 -10.21
C33 5CV B . -0.68 -7.08 -11.56
C34 5CV B . 0.10 -8.16 -12.02
C35 5CV B . -0.15 -8.75 -13.27
C36 5CV B . -1.18 -8.23 -14.06
C37 5CV B . -1.98 -7.16 -13.61
C38 5CV B . -1.72 -6.57 -12.36
S SO4 C . -4.21 -10.32 6.24
O1 SO4 C . -5.45 -10.81 5.58
O2 SO4 C . -4.46 -10.13 7.71
O3 SO4 C . -3.82 -9.05 5.56
O4 SO4 C . -3.08 -11.27 6.00
#